data_6QUI
#
_entry.id   6QUI
#
_cell.length_a   86.252
_cell.length_b   86.252
_cell.length_c   269.535
_cell.angle_alpha   90.000
_cell.angle_beta   90.000
_cell.angle_gamma   120.000
#
_symmetry.space_group_name_H-M   'P 65 2 2'
#
loop_
_entity.id
_entity.type
_entity.pdbx_description
1 polymer 'Green fluorescent protein'
2 non-polymer 'COPPER (II) ION'
3 non-polymer 'SULFATE ION'
4 non-polymer GLYCEROL
5 water water
#
_entity_poly.entity_id   1
_entity_poly.type   'polypeptide(L)'
_entity_poly.pdbx_seq_one_letter_code
;GHKRGEQLFTGVVPILVELDGDVNGHRFSVRGEGEGDATNGRLTLRFICTTGRLPVPWPTLVTTL(CRO)VQCFSRYPDH
MRRHDFFKSAMPEGYVQERTISFRDDGTYRTRAVVRFEGNTLVNRIELRGTNFREDGNILGHRLEYNYNSHNVYITADRQ
RNGIRANFTIRHNVEDGSVQLANHYQQNTPIGNGPVLLPDDHYLSTQTALSRDPNERRDHMVLLEFVTAAGIT
;
_entity_poly.pdbx_strand_id   B,E
#
loop_
_chem_comp.id
_chem_comp.type
_chem_comp.name
_chem_comp.formula
CU non-polymer 'COPPER (II) ION' 'Cu 2'
GOL non-polymer GLYCEROL 'C3 H8 O3'
SO4 non-polymer 'SULFATE ION' 'O4 S -2'
#
# COMPACT_ATOMS: atom_id res chain seq x y z
N GLY A 1 1.05 -3.68 28.41
CA GLY A 1 2.30 -3.71 27.60
C GLY A 1 2.16 -2.90 26.33
N HIS A 2 0.94 -2.47 26.01
CA HIS A 2 0.62 -1.75 24.75
C HIS A 2 1.34 -0.40 24.70
N LYS A 3 1.52 0.29 25.84
CA LYS A 3 2.16 1.63 25.85
C LYS A 3 3.62 1.48 25.39
N ARG A 4 4.37 0.57 26.02
CA ARG A 4 5.77 0.26 25.64
C ARG A 4 5.79 -0.35 24.22
N GLY A 5 4.85 -1.24 23.93
CA GLY A 5 4.67 -1.85 22.59
C GLY A 5 4.62 -0.79 21.49
N GLU A 6 3.70 0.17 21.63
CA GLU A 6 3.53 1.30 20.67
C GLU A 6 4.88 2.02 20.47
N GLN A 7 5.62 2.26 21.55
CA GLN A 7 6.85 3.10 21.52
C GLN A 7 7.94 2.37 20.73
N LEU A 8 7.94 1.05 20.75
CA LEU A 8 8.95 0.23 20.01
C LEU A 8 8.82 0.42 18.50
N PHE A 9 7.67 0.89 18.00
CA PHE A 9 7.39 0.97 16.54
C PHE A 9 7.21 2.40 16.03
N THR A 10 7.47 3.43 16.84
CA THR A 10 7.21 4.85 16.44
C THR A 10 8.16 5.28 15.32
N GLY A 11 9.33 4.65 15.18
CA GLY A 11 10.30 5.00 14.13
C GLY A 11 10.46 3.88 13.10
N VAL A 12 11.59 3.86 12.42
CA VAL A 12 11.90 2.80 11.42
C VAL A 12 12.68 1.71 12.15
N VAL A 13 12.20 0.46 12.04
CA VAL A 13 12.74 -0.68 12.84
C VAL A 13 13.34 -1.68 11.87
N PRO A 14 14.62 -2.06 12.07
CA PRO A 14 15.24 -3.12 11.27
C PRO A 14 14.51 -4.46 11.48
N ILE A 15 14.40 -5.20 10.39
CA ILE A 15 13.76 -6.54 10.36
C ILE A 15 14.77 -7.59 9.85
N LEU A 16 14.76 -8.75 10.52
CA LEU A 16 15.44 -9.98 10.06
C LEU A 16 14.39 -11.09 9.99
N VAL A 17 14.38 -11.80 8.87
CA VAL A 17 13.48 -12.96 8.67
C VAL A 17 14.36 -14.17 8.40
N GLU A 18 14.10 -15.27 9.11
CA GLU A 18 14.83 -16.54 8.85
C GLU A 18 13.78 -17.64 8.68
N LEU A 19 13.76 -18.33 7.54
CA LEU A 19 12.82 -19.44 7.29
C LEU A 19 13.61 -20.70 6.94
N ASP A 20 13.31 -21.77 7.67
CA ASP A 20 13.77 -23.15 7.31
C ASP A 20 12.52 -23.95 6.91
N GLY A 21 12.58 -24.49 5.69
CA GLY A 21 11.46 -25.16 5.03
C GLY A 21 11.82 -26.57 4.57
N ASP A 22 10.80 -27.42 4.57
CA ASP A 22 10.83 -28.75 3.94
C ASP A 22 9.52 -28.91 3.17
N VAL A 23 9.57 -28.88 1.84
CA VAL A 23 8.32 -29.15 1.05
C VAL A 23 8.47 -30.48 0.29
N ASN A 24 7.58 -31.43 0.58
CA ASN A 24 7.62 -32.77 -0.06
C ASN A 24 9.06 -33.33 -0.02
N GLY A 25 9.76 -33.11 1.09
CA GLY A 25 11.11 -33.66 1.33
C GLY A 25 12.21 -32.81 0.70
N HIS A 26 11.89 -31.64 0.14
CA HIS A 26 12.88 -30.69 -0.43
C HIS A 26 13.16 -29.61 0.60
N ARG A 27 14.38 -29.57 1.11
CA ARG A 27 14.76 -28.67 2.22
C ARG A 27 15.25 -27.36 1.62
N PHE A 28 14.90 -26.24 2.26
CA PHE A 28 15.37 -24.92 1.77
C PHE A 28 15.41 -23.95 2.95
N SER A 29 16.16 -22.87 2.75
CA SER A 29 16.27 -21.76 3.72
C SER A 29 16.08 -20.44 2.97
N VAL A 30 15.36 -19.52 3.61
CA VAL A 30 15.20 -18.12 3.13
C VAL A 30 15.73 -17.21 4.23
N ARG A 31 16.52 -16.20 3.82
CA ARG A 31 16.92 -15.12 4.76
C ARG A 31 16.46 -13.79 4.17
N GLY A 32 15.82 -12.98 5.00
CA GLY A 32 15.23 -11.70 4.60
C GLY A 32 15.73 -10.60 5.50
N GLU A 33 15.97 -9.42 4.91
CA GLU A 33 16.43 -8.23 5.68
C GLU A 33 15.73 -6.99 5.14
N GLY A 34 15.44 -6.05 6.04
CA GLY A 34 14.92 -4.74 5.64
C GLY A 34 14.42 -3.96 6.82
N GLU A 35 13.33 -3.22 6.64
CA GLU A 35 12.88 -2.33 7.72
C GLU A 35 11.37 -2.14 7.67
N GLY A 36 10.81 -1.85 8.84
CA GLY A 36 9.38 -1.60 9.01
C GLY A 36 9.13 -0.23 9.60
N ASP A 37 8.05 0.40 9.14
CA ASP A 37 7.61 1.76 9.54
C ASP A 37 6.11 1.65 9.83
N ALA A 38 5.78 1.20 11.03
CA ALA A 38 4.40 0.91 11.48
C ALA A 38 3.54 2.18 11.39
N THR A 39 4.12 3.35 11.67
CA THR A 39 3.42 4.65 11.58
C THR A 39 2.81 4.78 10.19
N ASN A 40 3.52 4.32 9.17
CA ASN A 40 3.07 4.38 7.76
C ASN A 40 2.50 3.03 7.29
N GLY A 41 2.46 2.03 8.17
CA GLY A 41 2.02 0.66 7.79
C GLY A 41 2.90 0.03 6.71
N ARG A 42 4.19 0.40 6.64
CA ARG A 42 5.05 0.07 5.48
C ARG A 42 6.14 -0.92 5.87
N LEU A 43 6.31 -1.97 5.06
CA LEU A 43 7.44 -2.93 5.13
C LEU A 43 8.23 -2.84 3.84
N THR A 44 9.56 -2.82 3.93
CA THR A 44 10.47 -3.05 2.78
C THR A 44 11.48 -4.14 3.16
N LEU A 45 11.45 -5.23 2.39
CA LEU A 45 12.27 -6.42 2.71
C LEU A 45 12.85 -7.00 1.42
N ARG A 46 14.06 -7.56 1.56
CA ARG A 46 14.75 -8.31 0.50
C ARG A 46 15.03 -9.71 1.03
N PHE A 47 14.59 -10.72 0.28
CA PHE A 47 14.65 -12.15 0.65
C PHE A 47 15.55 -12.87 -0.35
N ILE A 48 16.40 -13.73 0.20
CA ILE A 48 17.34 -14.62 -0.54
C ILE A 48 17.00 -16.07 -0.19
N CYS A 49 16.89 -16.92 -1.21
CA CYS A 49 16.93 -18.39 -0.97
C CYS A 49 18.41 -18.79 -0.87
N THR A 50 18.90 -19.12 0.33
CA THR A 50 20.35 -19.30 0.60
C THR A 50 20.79 -20.72 0.20
N THR A 51 19.85 -21.61 -0.15
CA THR A 51 20.10 -23.06 -0.34
C THR A 51 20.07 -23.43 -1.82
N GLY A 52 19.77 -22.47 -2.70
CA GLY A 52 19.64 -22.71 -4.15
C GLY A 52 18.40 -22.04 -4.69
N ARG A 53 17.71 -22.67 -5.65
CA ARG A 53 16.41 -22.17 -6.13
C ARG A 53 15.35 -22.55 -5.09
N LEU A 54 14.38 -21.67 -4.88
CA LEU A 54 13.19 -21.97 -4.02
C LEU A 54 12.44 -23.13 -4.68
N PRO A 55 12.10 -24.21 -3.94
CA PRO A 55 11.37 -25.34 -4.51
C PRO A 55 9.88 -25.08 -4.71
N VAL A 56 9.40 -23.91 -4.26
CA VAL A 56 7.99 -23.47 -4.44
C VAL A 56 8.04 -22.04 -4.94
N PRO A 57 6.94 -21.51 -5.51
CA PRO A 57 6.91 -20.13 -5.97
C PRO A 57 7.00 -19.14 -4.80
N TRP A 58 7.82 -18.11 -4.98
CA TRP A 58 8.02 -16.99 -4.01
C TRP A 58 6.68 -16.54 -3.46
N PRO A 59 5.69 -16.23 -4.32
CA PRO A 59 4.42 -15.70 -3.82
C PRO A 59 3.80 -16.62 -2.76
N THR A 60 4.07 -17.94 -2.79
CA THR A 60 3.42 -18.85 -1.80
C THR A 60 4.01 -18.64 -0.41
N LEU A 61 5.16 -17.96 -0.26
CA LEU A 61 5.81 -17.79 1.07
C LEU A 61 5.52 -16.40 1.66
N VAL A 62 4.88 -15.52 0.90
CA VAL A 62 4.70 -14.09 1.31
C VAL A 62 4.04 -14.03 2.69
N THR A 63 2.91 -14.71 2.92
CA THR A 63 2.17 -14.59 4.20
C THR A 63 3.04 -15.11 5.35
N THR A 64 3.85 -16.14 5.08
CA THR A 64 4.72 -16.77 6.11
C THR A 64 5.85 -15.80 6.45
N LEU A 65 6.49 -15.24 5.42
CA LEU A 65 7.63 -14.31 5.63
C LEU A 65 7.14 -12.96 6.18
N1 CRO A 66 6.07 -12.43 5.71
CA1 CRO A 66 5.52 -11.13 6.16
CB1 CRO A 66 5.52 -9.99 5.11
CG1 CRO A 66 6.94 -9.65 4.81
OG1 CRO A 66 4.81 -10.34 3.94
C1 CRO A 66 4.12 -11.39 6.57
N2 CRO A 66 2.96 -11.14 5.84
N3 CRO A 66 3.80 -12.01 7.84
C2 CRO A 66 2.36 -12.13 7.89
O2 CRO A 66 1.76 -12.62 8.83
CA2 CRO A 66 1.83 -11.57 6.59
CA3 CRO A 66 4.71 -12.51 8.88
C3 CRO A 66 4.90 -11.58 10.02
O3 CRO A 66 5.25 -12.21 11.06
CB2 CRO A 66 0.57 -11.52 6.34
CG2 CRO A 66 -0.07 -11.26 5.01
CD1 CRO A 66 0.65 -10.85 3.86
CD2 CRO A 66 -1.46 -11.44 4.96
CE1 CRO A 66 -0.05 -10.63 2.67
CE2 CRO A 66 -2.16 -11.20 3.78
CZ CRO A 66 -1.44 -10.79 2.63
OH CRO A 66 -2.15 -10.51 1.45
N VAL A 67 4.85 -10.28 9.72
CA VAL A 67 5.30 -9.37 10.82
C VAL A 67 4.22 -8.29 10.98
N GLN A 68 3.02 -8.72 11.36
CA GLN A 68 1.78 -7.89 11.34
C GLN A 68 1.83 -6.81 12.44
N CYS A 69 2.85 -6.84 13.30
CA CYS A 69 3.17 -5.73 14.24
C CYS A 69 3.50 -4.44 13.46
N PHE A 70 3.78 -4.52 12.16
CA PHE A 70 4.07 -3.30 11.35
C PHE A 70 2.80 -2.72 10.69
N SER A 71 1.63 -3.26 10.98
CA SER A 71 0.33 -2.73 10.51
C SER A 71 0.14 -1.29 11.04
N ARG A 72 -0.44 -0.43 10.22
CA ARG A 72 -0.93 0.91 10.66
C ARG A 72 -2.31 0.73 11.32
N TYR A 73 -2.34 0.77 12.64
CA TYR A 73 -3.60 0.84 13.43
C TYR A 73 -3.95 2.32 13.60
N PRO A 74 -5.09 2.79 13.05
CA PRO A 74 -5.53 4.16 13.28
C PRO A 74 -5.67 4.44 14.79
N ASP A 75 -5.55 5.71 15.21
CA ASP A 75 -5.67 6.12 16.63
C ASP A 75 -6.90 5.48 17.27
N HIS A 76 -8.05 5.53 16.59
CA HIS A 76 -9.35 5.05 17.12
C HIS A 76 -9.37 3.52 17.23
N MET A 77 -8.35 2.82 16.71
CA MET A 77 -8.28 1.33 16.83
C MET A 77 -7.06 0.93 17.68
N ARG A 78 -6.45 1.87 18.40
CA ARG A 78 -5.18 1.59 19.13
C ARG A 78 -5.40 0.50 20.17
N ARG A 79 -6.60 0.38 20.73
CA ARG A 79 -6.91 -0.65 21.77
C ARG A 79 -7.06 -2.04 21.12
N HIS A 80 -6.98 -2.15 19.78
CA HIS A 80 -7.23 -3.43 19.06
C HIS A 80 -5.95 -4.00 18.44
N ASP A 81 -4.78 -3.44 18.80
CA ASP A 81 -3.47 -3.84 18.22
C ASP A 81 -2.81 -4.89 19.11
N PHE A 82 -3.20 -6.16 18.97
CA PHE A 82 -2.60 -7.28 19.72
C PHE A 82 -1.09 -7.34 19.48
N PHE A 83 -0.68 -7.22 18.22
CA PHE A 83 0.69 -7.52 17.73
C PHE A 83 1.74 -6.67 18.45
N LYS A 84 1.55 -5.36 18.50
CA LYS A 84 2.52 -4.45 19.17
C LYS A 84 2.47 -4.67 20.70
N SER A 85 1.29 -4.96 21.25
CA SER A 85 1.09 -5.07 22.71
C SER A 85 1.89 -6.25 23.26
N ALA A 86 2.21 -7.25 22.42
CA ALA A 86 2.97 -8.45 22.81
C ALA A 86 4.48 -8.19 22.83
N MET A 87 4.94 -7.07 22.27
CA MET A 87 6.39 -6.78 22.15
C MET A 87 6.89 -6.12 23.44
N PRO A 88 8.19 -6.25 23.81
CA PRO A 88 9.21 -6.88 22.96
C PRO A 88 9.34 -8.42 23.04
N GLU A 89 8.71 -9.07 24.02
CA GLU A 89 8.91 -10.53 24.25
C GLU A 89 8.30 -11.30 23.07
N GLY A 90 7.24 -10.76 22.49
CA GLY A 90 6.74 -11.16 21.16
C GLY A 90 5.66 -12.20 21.19
N TYR A 91 5.43 -12.84 20.04
CA TYR A 91 4.36 -13.86 19.89
C TYR A 91 4.85 -15.00 19.01
N VAL A 92 4.18 -16.13 19.20
CA VAL A 92 4.24 -17.31 18.29
C VAL A 92 3.08 -17.17 17.30
N GLN A 93 3.41 -17.25 16.02
CA GLN A 93 2.43 -17.19 14.91
C GLN A 93 2.45 -18.55 14.23
N GLU A 94 1.31 -19.22 14.24
CA GLU A 94 1.21 -20.56 13.62
C GLU A 94 0.11 -20.52 12.55
N ARG A 95 0.37 -21.16 11.42
CA ARG A 95 -0.62 -21.28 10.34
C ARG A 95 -0.67 -22.71 9.81
N THR A 96 -1.88 -23.04 9.35
CA THR A 96 -2.14 -24.07 8.34
C THR A 96 -2.58 -23.32 7.08
N ILE A 97 -1.88 -23.58 5.98
CA ILE A 97 -2.18 -23.01 4.64
C ILE A 97 -2.52 -24.18 3.71
N SER A 98 -3.80 -24.27 3.38
CA SER A 98 -4.32 -25.35 2.49
C SER A 98 -4.47 -24.78 1.08
N PHE A 99 -3.63 -25.25 0.15
CA PHE A 99 -3.73 -24.93 -1.30
C PHE A 99 -4.83 -25.81 -1.91
N ARG A 100 -5.89 -25.16 -2.40
CA ARG A 100 -7.03 -25.88 -3.02
C ARG A 100 -6.50 -26.86 -4.08
N ASP A 101 -6.91 -28.14 -3.99
CA ASP A 101 -6.55 -29.21 -4.96
C ASP A 101 -5.03 -29.44 -4.92
N ASP A 102 -4.36 -29.14 -3.80
CA ASP A 102 -2.89 -29.34 -3.70
C ASP A 102 -2.50 -29.49 -2.23
N GLY A 103 -1.22 -29.27 -1.92
CA GLY A 103 -0.63 -29.61 -0.62
C GLY A 103 -0.94 -28.58 0.45
N THR A 104 -0.28 -28.74 1.60
CA THR A 104 -0.54 -27.92 2.79
C THR A 104 0.78 -27.48 3.40
N TYR A 105 0.89 -26.20 3.75
CA TYR A 105 1.99 -25.69 4.60
C TYR A 105 1.50 -25.67 6.05
N ARG A 106 2.37 -26.07 6.95
CA ARG A 106 2.20 -25.84 8.40
C ARG A 106 3.40 -25.05 8.85
N THR A 107 3.13 -23.89 9.47
CA THR A 107 4.20 -22.94 9.83
C THR A 107 4.12 -22.63 11.32
N ARG A 108 5.29 -22.46 11.91
CA ARG A 108 5.43 -21.97 13.29
C ARG A 108 6.54 -20.93 13.28
N ALA A 109 6.23 -19.75 13.81
CA ALA A 109 7.12 -18.60 13.78
C ALA A 109 7.18 -17.96 15.15
N VAL A 110 8.38 -17.55 15.53
CA VAL A 110 8.62 -16.67 16.71
C VAL A 110 8.88 -15.27 16.17
N VAL A 111 8.04 -14.31 16.59
CA VAL A 111 8.16 -12.87 16.22
C VAL A 111 8.46 -12.11 17.51
N ARG A 112 9.65 -11.53 17.60
CA ARG A 112 10.10 -10.82 18.82
C ARG A 112 11.28 -9.91 18.49
N PHE A 113 11.56 -8.98 19.40
CA PHE A 113 12.75 -8.11 19.33
C PHE A 113 13.97 -8.91 19.78
N GLU A 114 15.06 -8.82 19.03
CA GLU A 114 16.40 -9.26 19.46
C GLU A 114 17.27 -8.01 19.36
N GLY A 115 17.59 -7.43 20.52
CA GLY A 115 18.09 -6.04 20.60
C GLY A 115 17.08 -5.12 19.95
N ASN A 116 17.53 -4.32 18.97
CA ASN A 116 16.68 -3.30 18.31
C ASN A 116 16.09 -3.86 17.00
N THR A 117 16.30 -5.14 16.71
CA THR A 117 15.82 -5.77 15.44
C THR A 117 14.54 -6.56 15.72
N LEU A 118 13.52 -6.39 14.87
CA LEU A 118 12.30 -7.23 14.93
C LEU A 118 12.61 -8.48 14.10
N VAL A 119 12.59 -9.65 14.73
CA VAL A 119 13.03 -10.90 14.09
C VAL A 119 11.81 -11.80 13.89
N ASN A 120 11.68 -12.38 12.69
CA ASN A 120 10.65 -13.40 12.37
C ASN A 120 11.39 -14.70 12.06
N ARG A 121 11.37 -15.65 13.02
CA ARG A 121 12.07 -16.95 12.85
C ARG A 121 11.05 -18.06 12.63
N ILE A 122 11.13 -18.75 11.48
CA ILE A 122 10.03 -19.62 10.98
C ILE A 122 10.53 -21.03 10.68
N GLU A 123 9.70 -22.01 11.01
CA GLU A 123 9.80 -23.38 10.47
C GLU A 123 8.58 -23.65 9.59
N LEU A 124 8.80 -24.18 8.38
CA LEU A 124 7.68 -24.53 7.48
C LEU A 124 7.78 -26.00 7.08
N ARG A 125 6.67 -26.73 7.17
CA ARG A 125 6.60 -28.11 6.62
C ARG A 125 5.46 -28.17 5.61
N GLY A 126 5.79 -28.48 4.36
CA GLY A 126 4.84 -28.64 3.25
C GLY A 126 4.72 -30.11 2.88
N THR A 127 3.47 -30.59 2.83
CA THR A 127 3.15 -32.03 2.56
C THR A 127 2.05 -32.14 1.49
N ASN A 128 2.15 -33.23 0.72
CA ASN A 128 1.08 -33.76 -0.18
C ASN A 128 0.88 -32.79 -1.34
N PHE A 129 1.95 -32.10 -1.77
CA PHE A 129 1.93 -31.27 -3.00
C PHE A 129 1.98 -32.18 -4.21
N ARG A 130 1.21 -31.83 -5.24
CA ARG A 130 1.21 -32.50 -6.57
C ARG A 130 2.51 -32.17 -7.28
N GLU A 131 3.22 -33.22 -7.75
CA GLU A 131 4.52 -33.12 -8.46
C GLU A 131 4.39 -32.15 -9.64
N ASP A 132 3.26 -32.17 -10.36
CA ASP A 132 3.05 -31.24 -11.51
C ASP A 132 1.84 -30.33 -11.22
N GLY A 133 1.67 -29.93 -9.96
CA GLY A 133 0.68 -28.90 -9.58
C GLY A 133 1.21 -27.50 -9.85
N ASN A 134 0.38 -26.48 -9.57
CA ASN A 134 0.70 -25.05 -9.77
C ASN A 134 1.92 -24.67 -8.93
N ILE A 135 2.12 -25.32 -7.78
CA ILE A 135 3.17 -24.96 -6.78
C ILE A 135 4.49 -25.62 -7.19
N LEU A 136 4.59 -26.95 -7.16
CA LEU A 136 5.86 -27.63 -7.50
C LEU A 136 6.16 -27.43 -8.99
N GLY A 137 5.13 -27.19 -9.82
CA GLY A 137 5.31 -26.92 -11.26
C GLY A 137 5.71 -25.47 -11.55
N HIS A 138 5.72 -24.61 -10.52
CA HIS A 138 6.02 -23.16 -10.65
C HIS A 138 5.18 -22.56 -11.77
N ARG A 139 3.83 -22.63 -11.68
CA ARG A 139 2.95 -22.01 -12.71
C ARG A 139 2.22 -20.79 -12.13
N LEU A 140 2.68 -20.26 -11.00
CA LEU A 140 2.09 -19.06 -10.36
C LEU A 140 2.80 -17.81 -10.91
N GLU A 141 2.03 -16.77 -11.21
CA GLU A 141 2.63 -15.49 -11.68
C GLU A 141 3.40 -14.85 -10.52
N TYR A 142 4.49 -14.14 -10.84
CA TYR A 142 5.29 -13.38 -9.84
C TYR A 142 4.59 -12.05 -9.60
N ASN A 143 3.51 -12.12 -8.82
CA ASN A 143 2.69 -10.93 -8.48
C ASN A 143 1.85 -11.29 -7.27
N TYR A 144 1.05 -10.35 -6.77
CA TYR A 144 0.35 -10.54 -5.50
C TYR A 144 -0.88 -9.64 -5.45
N ASN A 145 -2.02 -10.21 -5.07
CA ASN A 145 -3.29 -9.49 -4.93
C ASN A 145 -3.36 -8.86 -3.56
N SER A 146 -4.20 -7.86 -3.42
CA SER A 146 -4.50 -7.20 -2.13
C SER A 146 -5.54 -8.05 -1.38
N HIS A 147 -5.36 -8.21 -0.08
CA HIS A 147 -6.27 -9.09 0.70
C HIS A 147 -6.63 -8.44 2.03
N ASN A 148 -7.78 -8.83 2.57
CA ASN A 148 -8.22 -8.51 3.95
C ASN A 148 -7.98 -9.72 4.84
N VAL A 149 -7.26 -9.47 5.93
CA VAL A 149 -6.98 -10.49 6.97
C VAL A 149 -8.00 -10.24 8.09
N TYR A 150 -8.93 -11.18 8.30
CA TYR A 150 -10.04 -11.04 9.28
C TYR A 150 -9.54 -11.55 10.63
N ILE A 151 -9.41 -10.63 11.59
CA ILE A 151 -8.84 -10.93 12.94
C ILE A 151 -9.99 -11.01 13.95
N THR A 152 -9.92 -12.03 14.81
CA THR A 152 -10.85 -12.24 15.95
C THR A 152 -10.02 -12.62 17.19
N ALA A 153 -10.47 -12.20 18.37
CA ALA A 153 -9.86 -12.56 19.67
C ALA A 153 -9.96 -14.08 19.85
N ASP A 154 -8.92 -14.67 20.44
CA ASP A 154 -8.94 -16.05 20.95
C ASP A 154 -8.69 -15.96 22.46
N ARG A 155 -9.75 -15.74 23.24
CA ARG A 155 -9.65 -15.37 24.67
C ARG A 155 -8.98 -16.53 25.42
N GLN A 156 -9.39 -17.76 25.13
CA GLN A 156 -8.83 -18.98 25.77
C GLN A 156 -7.31 -19.04 25.59
N ARG A 157 -6.81 -18.58 24.45
CA ARG A 157 -5.37 -18.62 24.08
C ARG A 157 -4.69 -17.32 24.53
N ASN A 158 -5.47 -16.32 24.98
CA ASN A 158 -4.99 -14.94 25.28
C ASN A 158 -4.30 -14.37 24.02
N GLY A 159 -4.87 -14.64 22.85
CA GLY A 159 -4.26 -14.20 21.59
C GLY A 159 -5.30 -13.95 20.53
N ILE A 160 -4.94 -14.23 19.28
CA ILE A 160 -5.88 -13.93 18.17
C ILE A 160 -5.89 -15.13 17.22
N ARG A 161 -6.96 -15.17 16.42
CA ARG A 161 -7.07 -16.06 15.25
C ARG A 161 -7.26 -15.17 14.03
N ALA A 162 -6.78 -15.65 12.88
CA ALA A 162 -7.07 -15.00 11.60
C ALA A 162 -7.47 -16.07 10.59
N ASN A 163 -8.40 -15.68 9.73
CA ASN A 163 -8.90 -16.50 8.60
C ASN A 163 -8.91 -15.60 7.36
N PHE A 164 -8.39 -16.12 6.26
CA PHE A 164 -8.35 -15.40 4.96
C PHE A 164 -7.96 -16.41 3.90
N THR A 165 -8.33 -16.13 2.66
CA THR A 165 -7.98 -16.94 1.48
C THR A 165 -7.11 -16.08 0.56
N ILE A 166 -5.88 -16.51 0.31
CA ILE A 166 -5.01 -15.83 -0.68
C ILE A 166 -5.40 -16.34 -2.06
N ARG A 167 -5.56 -15.41 -3.01
CA ARG A 167 -5.78 -15.66 -4.46
C ARG A 167 -4.44 -15.48 -5.19
N HIS A 168 -3.80 -16.58 -5.59
CA HIS A 168 -2.55 -16.54 -6.41
C HIS A 168 -2.92 -16.65 -7.89
N ASN A 169 -2.56 -15.66 -8.70
CA ASN A 169 -2.73 -15.71 -10.17
C ASN A 169 -1.88 -16.85 -10.74
N VAL A 170 -2.52 -17.69 -11.58
CA VAL A 170 -1.85 -18.79 -12.33
C VAL A 170 -1.57 -18.32 -13.76
N GLU A 171 -0.48 -18.80 -14.35
CA GLU A 171 0.05 -18.33 -15.68
C GLU A 171 -1.00 -18.48 -16.78
N ASP A 172 -1.93 -19.44 -16.65
CA ASP A 172 -2.98 -19.72 -17.67
C ASP A 172 -4.20 -18.82 -17.44
N GLY A 173 -4.14 -17.91 -16.46
CA GLY A 173 -5.25 -16.98 -16.15
C GLY A 173 -6.20 -17.49 -15.09
N SER A 174 -6.03 -18.73 -14.59
CA SER A 174 -6.81 -19.27 -13.47
C SER A 174 -6.26 -18.73 -12.14
N VAL A 175 -6.91 -19.06 -11.03
CA VAL A 175 -6.54 -18.60 -9.67
C VAL A 175 -6.33 -19.84 -8.79
N GLN A 176 -5.20 -19.89 -8.10
CA GLN A 176 -4.85 -20.88 -7.06
C GLN A 176 -5.20 -20.28 -5.70
N LEU A 177 -6.17 -20.88 -5.01
CA LEU A 177 -6.62 -20.44 -3.67
C LEU A 177 -5.72 -21.09 -2.61
N ALA A 178 -5.40 -20.31 -1.58
CA ALA A 178 -4.62 -20.74 -0.40
C ALA A 178 -5.38 -20.31 0.86
N ASN A 179 -6.09 -21.27 1.46
CA ASN A 179 -6.90 -21.05 2.68
C ASN A 179 -5.94 -20.97 3.87
N HIS A 180 -5.92 -19.82 4.54
CA HIS A 180 -5.04 -19.53 5.70
C HIS A 180 -5.86 -19.68 6.98
N TYR A 181 -5.37 -20.50 7.89
CA TYR A 181 -5.84 -20.56 9.29
C TYR A 181 -4.67 -20.13 10.18
N GLN A 182 -4.87 -19.09 10.97
CA GLN A 182 -3.79 -18.45 11.77
C GLN A 182 -4.20 -18.37 13.25
N GLN A 183 -3.24 -18.63 14.12
CA GLN A 183 -3.39 -18.34 15.57
C GLN A 183 -2.11 -17.67 16.05
N ASN A 184 -2.24 -16.64 16.88
CA ASN A 184 -1.08 -15.97 17.52
C ASN A 184 -1.28 -16.03 19.04
N THR A 185 -0.21 -16.39 19.75
CA THR A 185 -0.12 -16.51 21.21
C THR A 185 1.06 -15.70 21.73
N PRO A 186 0.87 -14.84 22.76
CA PRO A 186 1.98 -14.06 23.28
C PRO A 186 3.03 -14.98 23.92
N ILE A 187 4.29 -14.57 23.88
CA ILE A 187 5.40 -15.33 24.54
C ILE A 187 5.52 -14.83 25.99
N GLY A 188 5.38 -13.51 26.20
CA GLY A 188 5.51 -12.87 27.53
C GLY A 188 4.29 -13.11 28.42
N ASN A 189 4.44 -12.82 29.72
CA ASN A 189 3.40 -13.01 30.76
C ASN A 189 2.64 -11.70 30.99
N GLY A 190 3.17 -10.58 30.51
CA GLY A 190 2.56 -9.25 30.67
C GLY A 190 1.23 -9.17 29.93
N PRO A 191 0.42 -8.10 30.15
CA PRO A 191 -0.89 -7.99 29.52
C PRO A 191 -0.76 -7.60 28.04
N VAL A 192 -1.62 -8.18 27.19
CA VAL A 192 -1.73 -7.88 25.74
C VAL A 192 -3.15 -7.37 25.46
N LEU A 193 -3.36 -6.70 24.33
CA LEU A 193 -4.70 -6.24 23.91
C LEU A 193 -5.33 -7.36 23.09
N LEU A 194 -6.55 -7.77 23.44
CA LEU A 194 -7.34 -8.72 22.62
C LEU A 194 -8.38 -7.89 21.89
N PRO A 195 -8.38 -7.89 20.54
CA PRO A 195 -9.21 -6.96 19.78
C PRO A 195 -10.67 -7.40 19.59
N ASP A 196 -11.54 -6.42 19.37
CA ASP A 196 -12.84 -6.63 18.67
C ASP A 196 -12.54 -7.03 17.22
N ASP A 197 -13.49 -7.70 16.58
CA ASP A 197 -13.33 -8.21 15.18
C ASP A 197 -12.97 -7.02 14.30
N HIS A 198 -11.94 -7.17 13.47
CA HIS A 198 -11.53 -6.13 12.49
C HIS A 198 -10.73 -6.84 11.40
N TYR A 199 -10.25 -6.08 10.42
CA TYR A 199 -9.41 -6.67 9.35
C TYR A 199 -8.18 -5.81 9.12
N LEU A 200 -7.15 -6.48 8.59
CA LEU A 200 -5.93 -5.84 8.05
C LEU A 200 -6.06 -5.81 6.53
N SER A 201 -6.15 -4.61 5.98
CA SER A 201 -6.07 -4.33 4.53
C SER A 201 -4.59 -4.43 4.12
N THR A 202 -4.26 -5.46 3.36
CA THR A 202 -2.86 -5.83 3.05
C THR A 202 -2.63 -5.70 1.53
N GLN A 203 -1.67 -4.86 1.19
CA GLN A 203 -1.24 -4.67 -0.22
C GLN A 203 0.27 -4.99 -0.32
N THR A 204 0.64 -5.78 -1.32
CA THR A 204 2.00 -6.35 -1.50
C THR A 204 2.49 -6.16 -2.93
N ALA A 205 3.64 -5.52 -3.11
CA ALA A 205 4.32 -5.35 -4.40
C ALA A 205 5.60 -6.19 -4.39
N LEU A 206 5.69 -7.13 -5.34
CA LEU A 206 6.87 -8.02 -5.52
C LEU A 206 7.69 -7.48 -6.68
N SER A 207 9.01 -7.43 -6.50
CA SER A 207 9.93 -7.03 -7.57
C SER A 207 11.22 -7.85 -7.46
N ARG A 208 12.11 -7.62 -8.41
CA ARG A 208 13.42 -8.29 -8.53
C ARG A 208 14.51 -7.23 -8.44
N ASP A 209 15.66 -7.64 -7.93
CA ASP A 209 16.91 -6.85 -7.88
C ASP A 209 17.71 -7.25 -9.11
N PRO A 210 17.85 -6.35 -10.12
CA PRO A 210 18.53 -6.71 -11.37
C PRO A 210 20.00 -7.12 -11.14
N ASN A 211 20.57 -6.78 -9.99
CA ASN A 211 22.01 -7.00 -9.69
C ASN A 211 22.23 -8.30 -8.90
N GLU A 212 21.16 -8.97 -8.47
CA GLU A 212 21.25 -10.16 -7.56
C GLU A 212 21.23 -11.46 -8.39
N ARG A 213 22.25 -12.31 -8.25
CA ARG A 213 22.33 -13.61 -8.96
C ARG A 213 21.54 -14.71 -8.22
N ARG A 214 21.41 -14.64 -6.90
CA ARG A 214 20.69 -15.69 -6.13
C ARG A 214 19.19 -15.57 -6.39
N ASP A 215 18.46 -16.67 -6.21
CA ASP A 215 16.97 -16.66 -6.20
C ASP A 215 16.54 -15.76 -5.02
N HIS A 216 15.71 -14.78 -5.31
CA HIS A 216 15.41 -13.69 -4.35
C HIS A 216 14.04 -13.10 -4.63
N MET A 217 13.54 -12.34 -3.67
CA MET A 217 12.27 -11.60 -3.83
C MET A 217 12.45 -10.27 -3.12
N VAL A 218 12.17 -9.17 -3.82
CA VAL A 218 12.09 -7.84 -3.19
C VAL A 218 10.60 -7.56 -2.92
N LEU A 219 10.29 -7.13 -1.70
CA LEU A 219 8.90 -6.99 -1.25
C LEU A 219 8.68 -5.58 -0.68
N LEU A 220 7.59 -4.95 -1.11
CA LEU A 220 7.07 -3.77 -0.38
C LEU A 220 5.64 -4.05 0.06
N GLU A 221 5.33 -3.79 1.31
CA GLU A 221 3.98 -4.09 1.84
C GLU A 221 3.41 -2.86 2.53
N PHE A 222 2.12 -2.61 2.30
CA PHE A 222 1.34 -1.56 2.97
C PHE A 222 0.13 -2.22 3.65
N VAL A 223 0.05 -2.06 4.98
CA VAL A 223 -0.98 -2.73 5.82
C VAL A 223 -1.65 -1.72 6.74
N THR A 224 -2.97 -1.61 6.65
CA THR A 224 -3.77 -0.72 7.53
C THR A 224 -4.88 -1.53 8.20
N ALA A 225 -5.09 -1.33 9.49
CA ALA A 225 -6.21 -1.95 10.23
C ALA A 225 -7.49 -1.15 9.94
N ALA A 226 -8.62 -1.84 9.76
CA ALA A 226 -9.92 -1.18 9.48
C ALA A 226 -11.06 -2.07 9.96
N GLY A 227 -12.30 -1.60 9.79
CA GLY A 227 -13.55 -2.37 10.06
C GLY A 227 -14.12 -2.08 11.44
N ILE A 228 -13.50 -1.15 12.18
CA ILE A 228 -14.04 -0.62 13.47
C ILE A 228 -14.22 0.89 13.30
N THR A 229 -15.43 1.37 13.58
CA THR A 229 -15.82 2.80 13.55
C THR A 229 -15.37 3.49 14.84
N GLY B 1 -24.15 5.01 -14.17
CA GLY B 1 -22.88 4.88 -14.96
C GLY B 1 -21.86 4.04 -14.22
N HIS B 2 -22.16 3.65 -12.98
CA HIS B 2 -21.26 2.88 -12.10
C HIS B 2 -21.03 1.48 -12.67
N LYS B 3 -22.01 0.86 -13.33
CA LYS B 3 -21.85 -0.53 -13.84
C LYS B 3 -20.79 -0.50 -14.96
N ARG B 4 -20.93 0.39 -15.93
CA ARG B 4 -19.93 0.59 -17.02
C ARG B 4 -18.61 1.08 -16.41
N GLY B 5 -18.68 2.02 -15.46
CA GLY B 5 -17.51 2.56 -14.73
C GLY B 5 -16.67 1.44 -14.14
N GLU B 6 -17.30 0.56 -13.36
CA GLU B 6 -16.62 -0.62 -12.74
C GLU B 6 -15.91 -1.45 -13.82
N GLN B 7 -16.57 -1.70 -14.94
CA GLN B 7 -16.06 -2.60 -16.00
C GLN B 7 -14.80 -2.01 -16.64
N LEU B 8 -14.71 -0.67 -16.70
CA LEU B 8 -13.53 0.02 -17.30
C LEU B 8 -12.27 -0.24 -16.48
N PHE B 9 -12.38 -0.64 -15.22
CA PHE B 9 -11.20 -0.79 -14.33
C PHE B 9 -10.94 -2.24 -13.87
N THR B 10 -11.62 -3.25 -14.42
CA THR B 10 -11.54 -4.65 -13.91
C THR B 10 -10.15 -5.26 -14.14
N GLY B 11 -9.41 -4.78 -15.14
CA GLY B 11 -8.06 -5.29 -15.45
C GLY B 11 -6.99 -4.24 -15.19
N VAL B 12 -5.89 -4.31 -15.93
CA VAL B 12 -4.79 -3.32 -15.82
C VAL B 12 -5.05 -2.24 -16.88
N VAL B 13 -5.01 -0.97 -16.48
CA VAL B 13 -5.38 0.17 -17.36
C VAL B 13 -4.15 1.06 -17.50
N PRO B 14 -3.72 1.36 -18.74
CA PRO B 14 -2.63 2.30 -18.96
C PRO B 14 -3.00 3.71 -18.49
N ILE B 15 -2.00 4.40 -17.95
CA ILE B 15 -2.14 5.80 -17.43
C ILE B 15 -1.17 6.73 -18.15
N LEU B 16 -1.67 7.91 -18.50
CA LEU B 16 -0.85 9.05 -18.96
C LEU B 16 -1.16 10.25 -18.04
N VAL B 17 -0.11 10.88 -17.55
CA VAL B 17 -0.22 12.12 -16.72
C VAL B 17 0.52 13.25 -17.46
N GLU B 18 -0.15 14.38 -17.62
CA GLU B 18 0.52 15.58 -18.20
C GLU B 18 0.29 16.75 -17.24
N LEU B 19 1.36 17.38 -16.75
CA LEU B 19 1.24 18.56 -15.86
C LEU B 19 2.01 19.74 -16.45
N ASP B 20 1.33 20.88 -16.57
CA ASP B 20 1.94 22.20 -16.87
C ASP B 20 1.80 23.07 -15.61
N GLY B 21 2.95 23.55 -15.15
CA GLY B 21 3.10 24.25 -13.86
C GLY B 21 3.78 25.60 -14.03
N ASP B 22 3.41 26.52 -13.15
CA ASP B 22 4.09 27.82 -12.97
C ASP B 22 4.20 28.05 -11.46
N VAL B 23 5.40 27.97 -10.89
CA VAL B 23 5.57 28.27 -9.43
C VAL B 23 6.41 29.54 -9.27
N ASN B 24 5.83 30.57 -8.66
CA ASN B 24 6.53 31.88 -8.47
C ASN B 24 7.16 32.32 -9.79
N GLY B 25 6.49 32.11 -10.91
CA GLY B 25 6.94 32.56 -12.25
C GLY B 25 7.93 31.61 -12.88
N HIS B 26 8.17 30.43 -12.30
CA HIS B 26 9.04 29.39 -12.88
C HIS B 26 8.16 28.33 -13.55
N ARG B 27 8.21 28.27 -14.87
CA ARG B 27 7.32 27.39 -15.66
C ARG B 27 7.98 26.02 -15.82
N PHE B 28 7.19 24.96 -15.75
CA PHE B 28 7.73 23.58 -15.90
C PHE B 28 6.62 22.65 -16.41
N SER B 29 7.04 21.50 -16.94
CA SER B 29 6.14 20.43 -17.42
C SER B 29 6.62 19.09 -16.86
N VAL B 30 5.65 18.26 -16.46
CA VAL B 30 5.90 16.86 -16.02
C VAL B 30 5.09 15.95 -16.93
N ARG B 31 5.71 14.86 -17.40
CA ARG B 31 4.99 13.80 -18.12
C ARG B 31 5.18 12.49 -17.35
N GLY B 32 4.08 11.77 -17.13
CA GLY B 32 4.07 10.52 -16.37
C GLY B 32 3.41 9.42 -17.17
N GLU B 33 3.94 8.20 -17.05
CA GLU B 33 3.36 7.03 -17.77
C GLU B 33 3.40 5.83 -16.82
N GLY B 34 2.40 4.96 -16.92
CA GLY B 34 2.39 3.69 -16.19
C GLY B 34 1.05 3.00 -16.28
N GLU B 35 0.64 2.36 -15.20
CA GLU B 35 -0.60 1.54 -15.28
C GLU B 35 -1.24 1.43 -13.89
N GLY B 36 -2.54 1.21 -13.90
CA GLY B 36 -3.36 1.09 -12.67
C GLY B 36 -4.12 -0.22 -12.65
N ASP B 37 -4.24 -0.79 -11.46
CA ASP B 37 -4.97 -2.04 -11.14
C ASP B 37 -5.89 -1.72 -9.96
N ALA B 38 -7.06 -1.17 -10.28
CA ALA B 38 -8.06 -0.68 -9.30
C ALA B 38 -8.53 -1.84 -8.42
N THR B 39 -8.65 -3.04 -8.97
CA THR B 39 -9.08 -4.24 -8.21
C THR B 39 -8.16 -4.40 -6.99
N ASN B 40 -6.87 -4.13 -7.16
CA ASN B 40 -5.85 -4.23 -6.08
C ASN B 40 -5.54 -2.86 -5.49
N GLY B 41 -6.11 -1.78 -6.04
CA GLY B 41 -5.83 -0.41 -5.55
C GLY B 41 -4.39 0.01 -5.79
N ARG B 42 -3.77 -0.51 -6.86
CA ARG B 42 -2.32 -0.35 -7.11
C ARG B 42 -2.08 0.54 -8.34
N LEU B 43 -1.20 1.53 -8.19
CA LEU B 43 -0.71 2.40 -9.28
C LEU B 43 0.80 2.20 -9.39
N THR B 44 1.32 2.09 -10.61
CA THR B 44 2.78 2.24 -10.90
C THR B 44 2.97 3.29 -12.01
N LEU B 45 3.73 4.33 -11.69
CA LEU B 45 3.96 5.46 -12.61
C LEU B 45 5.41 5.90 -12.59
N ARG B 46 5.88 6.37 -13.74
CA ARG B 46 7.21 6.98 -13.92
C ARG B 46 7.00 8.39 -14.47
N PHE B 47 7.57 9.38 -13.77
CA PHE B 47 7.41 10.81 -14.10
C PHE B 47 8.77 11.39 -14.49
N ILE B 48 8.74 12.19 -15.55
CA ILE B 48 9.88 13.01 -16.07
C ILE B 48 9.50 14.49 -16.01
N CYS B 49 10.40 15.33 -15.49
CA CYS B 49 10.33 16.78 -15.73
C CYS B 49 10.94 17.07 -17.11
N THR B 50 10.13 17.40 -18.10
CA THR B 50 10.54 17.51 -19.53
C THR B 50 11.19 18.88 -19.81
N THR B 51 11.13 19.82 -18.87
CA THR B 51 11.54 21.23 -19.07
C THR B 51 12.88 21.53 -18.38
N GLY B 52 13.44 20.57 -17.65
CA GLY B 52 14.68 20.75 -16.88
C GLY B 52 14.55 20.13 -15.50
N ARG B 53 15.16 20.76 -14.50
CA ARG B 53 14.96 20.37 -13.08
C ARG B 53 13.58 20.88 -12.66
N LEU B 54 12.91 20.09 -11.83
CA LEU B 54 11.65 20.53 -11.16
C LEU B 54 12.01 21.71 -10.26
N PRO B 55 11.28 22.85 -10.35
CA PRO B 55 11.55 24.00 -9.48
C PRO B 55 11.02 23.84 -8.04
N VAL B 56 10.34 22.73 -7.77
CA VAL B 56 9.83 22.37 -6.41
C VAL B 56 10.20 20.92 -6.15
N PRO B 57 10.16 20.46 -4.89
CA PRO B 57 10.42 19.06 -4.58
C PRO B 57 9.33 18.13 -5.14
N TRP B 58 9.78 17.02 -5.74
CA TRP B 58 8.91 15.97 -6.32
C TRP B 58 7.78 15.62 -5.36
N PRO B 59 8.08 15.34 -4.07
CA PRO B 59 7.03 14.94 -3.15
C PRO B 59 5.89 15.97 -3.10
N THR B 60 6.14 17.25 -3.41
CA THR B 60 5.05 18.27 -3.33
C THR B 60 4.05 18.09 -4.47
N LEU B 61 4.39 17.32 -5.52
CA LEU B 61 3.50 17.18 -6.71
C LEU B 61 2.72 15.85 -6.66
N VAL B 62 3.04 14.98 -5.71
CA VAL B 62 2.47 13.61 -5.66
C VAL B 62 0.93 13.67 -5.71
N THR B 63 0.28 14.45 -4.84
CA THR B 63 -1.21 14.45 -4.75
C THR B 63 -1.78 14.96 -6.08
N THR B 64 -1.10 15.90 -6.74
CA THR B 64 -1.56 16.53 -7.99
C THR B 64 -1.43 15.49 -9.12
N LEU B 65 -0.29 14.81 -9.18
CA LEU B 65 -0.02 13.82 -10.26
C LEU B 65 -0.85 12.56 -10.01
N1 CRO B 66 -1.00 12.04 -8.86
CA1 CRO B 66 -1.70 10.82 -8.48
CB1 CRO B 66 -0.79 9.70 -7.92
CG1 CRO B 66 0.15 9.32 -9.04
OG1 CRO B 66 -0.04 10.15 -6.79
C1 CRO B 66 -2.68 11.24 -7.46
N2 CRO B 66 -2.54 11.06 -6.09
N3 CRO B 66 -3.93 11.97 -7.80
C2 CRO B 66 -4.61 12.23 -6.54
O2 CRO B 66 -5.67 12.79 -6.39
CA2 CRO B 66 -3.69 11.63 -5.44
CA3 CRO B 66 -4.36 12.40 -9.14
C3 CRO B 66 -5.42 11.52 -9.75
O3 CRO B 66 -6.16 12.21 -10.52
CB2 CRO B 66 -4.02 11.67 -4.19
CG2 CRO B 66 -3.16 11.40 -2.98
CD1 CRO B 66 -1.86 10.84 -3.05
CD2 CRO B 66 -3.75 11.69 -1.74
CE1 CRO B 66 -1.17 10.60 -1.87
CE2 CRO B 66 -3.07 11.45 -0.58
CZ CRO B 66 -1.77 10.90 -0.64
OH CRO B 66 -1.07 10.61 0.53
N VAL B 67 -5.27 10.24 -9.46
CA VAL B 67 -6.12 9.34 -10.30
C VAL B 67 -6.84 8.38 -9.35
N GLN B 68 -7.69 8.94 -8.50
CA GLN B 68 -8.30 8.22 -7.35
C GLN B 68 -9.36 7.22 -7.85
N CYS B 69 -9.67 7.22 -9.15
CA CYS B 69 -10.45 6.13 -9.81
C CYS B 69 -9.74 4.78 -9.67
N PHE B 70 -8.45 4.75 -9.33
CA PHE B 70 -7.70 3.48 -9.15
C PHE B 70 -7.71 3.01 -7.69
N SER B 71 -8.46 3.66 -6.81
CA SER B 71 -8.67 3.21 -5.42
C SER B 71 -9.33 1.81 -5.41
N ARG B 72 -8.94 0.97 -4.46
CA ARG B 72 -9.65 -0.30 -4.17
C ARG B 72 -10.83 0.02 -3.26
N TYR B 73 -12.02 0.05 -3.84
CA TYR B 73 -13.30 0.12 -3.09
C TYR B 73 -13.71 -1.32 -2.78
N PRO B 74 -13.76 -1.73 -1.50
CA PRO B 74 -14.28 -3.06 -1.15
C PRO B 74 -15.71 -3.24 -1.70
N ASP B 75 -16.12 -4.49 -1.94
CA ASP B 75 -17.46 -4.82 -2.48
C ASP B 75 -18.54 -4.07 -1.69
N HIS B 76 -18.44 -4.05 -0.36
CA HIS B 76 -19.47 -3.45 0.54
C HIS B 76 -19.48 -1.91 0.43
N MET B 77 -18.53 -1.32 -0.28
CA MET B 77 -18.49 0.16 -0.46
C MET B 77 -18.68 0.51 -1.95
N ARG B 78 -19.10 -0.45 -2.78
CA ARG B 78 -19.20 -0.27 -4.26
C ARG B 78 -20.10 0.92 -4.57
N ARG B 79 -21.13 1.18 -3.77
CA ARG B 79 -22.11 2.26 -4.01
C ARG B 79 -21.49 3.61 -3.67
N HIS B 80 -20.26 3.67 -3.14
CA HIS B 80 -19.64 4.94 -2.66
C HIS B 80 -18.46 5.37 -3.55
N ASP B 81 -18.29 4.73 -4.71
CA ASP B 81 -17.15 4.98 -5.63
C ASP B 81 -17.58 6.00 -6.69
N PHE B 82 -17.52 7.29 -6.35
CA PHE B 82 -17.82 8.40 -7.27
C PHE B 82 -16.91 8.32 -8.49
N PHE B 83 -15.60 8.11 -8.26
CA PHE B 83 -14.53 8.28 -9.27
C PHE B 83 -14.77 7.39 -10.49
N LYS B 84 -15.02 6.09 -10.29
CA LYS B 84 -15.25 5.14 -11.42
C LYS B 84 -16.58 5.46 -12.09
N SER B 85 -17.59 5.87 -11.32
CA SER B 85 -18.98 6.07 -11.81
C SER B 85 -19.01 7.22 -12.82
N ALA B 86 -18.04 8.15 -12.74
CA ALA B 86 -17.93 9.32 -13.66
C ALA B 86 -17.29 8.94 -15.00
N MET B 87 -16.67 7.75 -15.11
CA MET B 87 -15.94 7.35 -16.33
C MET B 87 -16.92 6.74 -17.33
N PRO B 88 -16.65 6.78 -18.66
CA PRO B 88 -15.38 7.27 -19.23
C PRO B 88 -15.25 8.78 -19.45
N GLU B 89 -16.33 9.54 -19.34
CA GLU B 89 -16.35 10.98 -19.68
C GLU B 89 -15.50 11.73 -18.65
N GLY B 90 -15.51 11.24 -17.41
CA GLY B 90 -14.51 11.59 -16.39
C GLY B 90 -14.94 12.72 -15.48
N TYR B 91 -13.97 13.31 -14.80
CA TYR B 91 -14.23 14.41 -13.83
C TYR B 91 -13.14 15.46 -13.90
N VAL B 92 -13.53 16.66 -13.44
CA VAL B 92 -12.61 17.80 -13.14
C VAL B 92 -12.28 17.72 -11.65
N GLN B 93 -10.98 17.69 -11.36
CA GLN B 93 -10.44 17.63 -9.99
C GLN B 93 -9.72 18.95 -9.74
N GLU B 94 -10.20 19.71 -8.76
CA GLU B 94 -9.57 21.00 -8.40
C GLU B 94 -9.08 20.93 -6.97
N ARG B 95 -7.91 21.52 -6.73
CA ARG B 95 -7.36 21.65 -5.35
C ARG B 95 -6.80 23.03 -5.13
N THR B 96 -6.93 23.45 -3.87
CA THR B 96 -6.04 24.43 -3.21
C THR B 96 -5.19 23.66 -2.20
N ILE B 97 -3.87 23.79 -2.35
CA ILE B 97 -2.87 23.17 -1.44
C ILE B 97 -2.10 24.30 -0.76
N SER B 98 -2.37 24.49 0.53
CA SER B 98 -1.74 25.55 1.34
C SER B 98 -0.59 24.94 2.14
N PHE B 99 0.65 25.30 1.79
CA PHE B 99 1.86 24.89 2.54
C PHE B 99 2.01 25.81 3.76
N ARG B 100 1.90 25.24 4.96
CA ARG B 100 2.01 25.99 6.23
C ARG B 100 3.26 26.87 6.20
N ASP B 101 3.10 28.17 6.46
CA ASP B 101 4.20 29.17 6.53
C ASP B 101 4.88 29.29 5.16
N ASP B 102 4.18 28.98 4.06
CA ASP B 102 4.78 29.07 2.71
C ASP B 102 3.68 29.28 1.67
N GLY B 103 3.96 28.96 0.40
CA GLY B 103 3.09 29.33 -0.72
C GLY B 103 1.90 28.41 -0.89
N THR B 104 1.18 28.59 -2.00
CA THR B 104 -0.06 27.83 -2.28
C THR B 104 -0.03 27.30 -3.72
N TYR B 105 -0.40 26.03 -3.90
CA TYR B 105 -0.71 25.48 -5.24
C TYR B 105 -2.22 25.58 -5.46
N ARG B 106 -2.61 25.95 -6.66
CA ARG B 106 -3.99 25.84 -7.15
C ARG B 106 -3.92 24.99 -8.41
N THR B 107 -4.70 23.90 -8.41
CA THR B 107 -4.62 22.89 -9.49
C THR B 107 -6.00 22.67 -10.09
N ARG B 108 -6.01 22.44 -11.40
CA ARG B 108 -7.21 22.02 -12.13
C ARG B 108 -6.79 20.89 -13.05
N ALA B 109 -7.48 19.77 -12.95
CA ALA B 109 -7.15 18.53 -13.69
C ALA B 109 -8.41 17.98 -14.34
N VAL B 110 -8.23 17.48 -15.56
CA VAL B 110 -9.25 16.66 -16.28
C VAL B 110 -8.78 15.22 -16.21
N VAL B 111 -9.62 14.38 -15.61
CA VAL B 111 -9.36 12.91 -15.47
C VAL B 111 -10.43 12.18 -16.28
N ARG B 112 -10.01 11.52 -17.35
CA ARG B 112 -10.93 10.84 -18.29
C ARG B 112 -10.18 9.81 -19.15
N PHE B 113 -10.94 8.91 -19.76
CA PHE B 113 -10.42 7.95 -20.76
C PHE B 113 -10.21 8.67 -22.08
N GLU B 114 -9.04 8.45 -22.69
CA GLU B 114 -8.77 8.78 -24.10
C GLU B 114 -8.41 7.45 -24.76
N GLY B 115 -9.34 6.91 -25.56
CA GLY B 115 -9.31 5.49 -25.96
C GLY B 115 -9.30 4.63 -24.70
N ASN B 116 -8.33 3.73 -24.60
CA ASN B 116 -8.23 2.76 -23.48
C ASN B 116 -7.27 3.28 -22.40
N THR B 117 -6.78 4.52 -22.52
CA THR B 117 -5.83 5.11 -21.54
C THR B 117 -6.58 6.03 -20.58
N LEU B 118 -6.28 5.90 -19.28
CA LEU B 118 -6.82 6.86 -18.28
C LEU B 118 -5.83 8.02 -18.23
N VAL B 119 -6.30 9.23 -18.57
CA VAL B 119 -5.42 10.41 -18.71
C VAL B 119 -5.72 11.39 -17.57
N ASN B 120 -4.67 11.90 -16.94
CA ASN B 120 -4.77 13.00 -15.94
C ASN B 120 -4.04 14.20 -16.53
N ARG B 121 -4.78 15.20 -17.01
CA ARG B 121 -4.23 16.46 -17.61
C ARG B 121 -4.41 17.57 -16.59
N ILE B 122 -3.31 18.22 -16.22
CA ILE B 122 -3.29 19.15 -15.06
C ILE B 122 -2.68 20.51 -15.44
N GLU B 123 -3.26 21.57 -14.89
CA GLU B 123 -2.61 22.91 -14.79
C GLU B 123 -2.36 23.21 -13.31
N LEU B 124 -1.15 23.66 -12.98
CA LEU B 124 -0.81 24.04 -11.58
C LEU B 124 -0.29 25.47 -11.54
N ARG B 125 -0.81 26.28 -10.62
CA ARG B 125 -0.27 27.64 -10.36
C ARG B 125 0.16 27.70 -8.90
N GLY B 126 1.45 27.98 -8.66
CA GLY B 126 2.04 28.13 -7.33
C GLY B 126 2.38 29.60 -7.10
N THR B 127 1.90 30.17 -5.99
CA THR B 127 2.09 31.60 -5.64
C THR B 127 2.58 31.76 -4.19
N ASN B 128 3.39 32.79 -3.98
CA ASN B 128 3.78 33.34 -2.65
C ASN B 128 4.66 32.33 -1.90
N PHE B 129 5.45 31.54 -2.61
CA PHE B 129 6.48 30.66 -2.01
C PHE B 129 7.66 31.51 -1.53
N ARG B 130 8.19 31.19 -0.35
CA ARG B 130 9.42 31.78 0.23
C ARG B 130 10.63 31.33 -0.60
N GLU B 131 11.44 32.29 -1.06
CA GLU B 131 12.68 32.08 -1.85
C GLU B 131 13.57 31.03 -1.17
N ASP B 132 13.72 31.09 0.16
CA ASP B 132 14.56 30.11 0.90
C ASP B 132 13.68 29.31 1.87
N GLY B 133 12.44 29.01 1.49
CA GLY B 133 11.59 28.05 2.21
C GLY B 133 11.95 26.61 1.91
N ASN B 134 11.23 25.68 2.55
CA ASN B 134 11.42 24.21 2.41
C ASN B 134 11.21 23.79 0.96
N ILE B 135 10.33 24.49 0.24
CA ILE B 135 9.88 24.10 -1.12
C ILE B 135 10.89 24.64 -2.16
N LEU B 136 11.02 25.96 -2.30
CA LEU B 136 11.95 26.54 -3.29
C LEU B 136 13.39 26.22 -2.88
N GLY B 137 13.66 25.99 -1.59
CA GLY B 137 14.99 25.63 -1.08
C GLY B 137 15.31 24.15 -1.26
N HIS B 138 14.34 23.35 -1.71
CA HIS B 138 14.46 21.88 -1.86
C HIS B 138 15.02 21.27 -0.56
N ARG B 139 14.35 21.46 0.58
CA ARG B 139 14.82 20.84 1.86
C ARG B 139 13.86 19.73 2.32
N LEU B 140 13.01 19.22 1.42
CA LEU B 140 12.07 18.11 1.73
C LEU B 140 12.77 16.78 1.42
N GLU B 141 12.63 15.79 2.31
CA GLU B 141 13.19 14.44 2.08
C GLU B 141 12.46 13.80 0.89
N TYR B 142 13.17 13.02 0.08
CA TYR B 142 12.58 12.25 -1.04
C TYR B 142 11.96 10.98 -0.46
N ASN B 143 10.78 11.15 0.14
CA ASN B 143 10.00 10.06 0.74
C ASN B 143 8.57 10.54 0.89
N TYR B 144 7.67 9.70 1.41
CA TYR B 144 6.23 10.03 1.46
C TYR B 144 5.57 9.23 2.58
N ASN B 145 4.77 9.92 3.39
CA ASN B 145 4.02 9.31 4.51
C ASN B 145 2.69 8.78 3.98
N SER B 146 2.09 7.89 4.73
CA SER B 146 0.76 7.32 4.44
C SER B 146 -0.30 8.27 5.00
N HIS B 147 -1.38 8.51 4.26
CA HIS B 147 -2.41 9.51 4.66
C HIS B 147 -3.81 8.99 4.40
N ASN B 148 -4.78 9.52 5.14
CA ASN B 148 -6.22 9.30 4.89
C ASN B 148 -6.79 10.52 4.18
N VAL B 149 -7.45 10.26 3.05
CA VAL B 149 -8.18 11.31 2.27
C VAL B 149 -9.65 11.22 2.68
N TYR B 150 -10.17 12.23 3.38
CA TYR B 150 -11.55 12.23 3.93
C TYR B 150 -12.49 12.79 2.85
N ILE B 151 -13.37 11.93 2.35
CA ILE B 151 -14.30 12.25 1.23
C ILE B 151 -15.70 12.49 1.80
N THR B 152 -16.35 13.54 1.30
N THR B 152 -16.36 13.54 1.31
CA THR B 152 -17.78 13.88 1.59
CA THR B 152 -17.78 13.84 1.59
C THR B 152 -18.48 14.23 0.27
C THR B 152 -18.48 14.19 0.26
N ALA B 153 -19.78 13.93 0.18
CA ALA B 153 -20.61 14.29 -1.00
C ALA B 153 -20.67 15.81 -1.12
N ASP B 154 -20.63 16.32 -2.35
CA ASP B 154 -20.97 17.73 -2.66
C ASP B 154 -22.19 17.69 -3.59
N ARG B 155 -23.38 17.63 -3.00
CA ARG B 155 -24.63 17.34 -3.74
C ARG B 155 -24.89 18.47 -4.75
N GLN B 156 -24.68 19.71 -4.34
CA GLN B 156 -24.87 20.91 -5.20
C GLN B 156 -24.03 20.77 -6.48
N ARG B 157 -22.83 20.22 -6.35
CA ARG B 157 -21.83 20.07 -7.45
C ARG B 157 -22.05 18.74 -8.17
N ASN B 158 -22.91 17.86 -7.63
CA ASN B 158 -23.09 16.47 -8.10
C ASN B 158 -21.73 15.74 -8.08
N GLY B 159 -20.93 15.99 -7.05
CA GLY B 159 -19.57 15.45 -6.97
C GLY B 159 -19.15 15.24 -5.54
N ILE B 160 -17.87 15.42 -5.28
CA ILE B 160 -17.31 15.18 -3.94
C ILE B 160 -16.38 16.34 -3.58
N ARG B 161 -16.17 16.48 -2.27
CA ARG B 161 -15.10 17.30 -1.68
C ARG B 161 -14.18 16.36 -0.90
N ALA B 162 -12.91 16.72 -0.82
CA ALA B 162 -11.97 16.02 0.07
C ALA B 162 -11.15 17.04 0.84
N ASN B 163 -10.83 16.66 2.08
CA ASN B 163 -9.96 17.44 2.99
C ASN B 163 -8.95 16.48 3.59
N PHE B 164 -7.69 16.89 3.61
CA PHE B 164 -6.59 16.10 4.21
C PHE B 164 -5.38 17.01 4.30
N THR B 165 -4.47 16.68 5.20
CA THR B 165 -3.19 17.41 5.40
C THR B 165 -2.05 16.45 5.08
N ILE B 166 -1.23 16.77 4.09
CA ILE B 166 0.00 15.98 3.79
C ILE B 166 1.09 16.45 4.76
N ARG B 167 1.80 15.49 5.36
CA ARG B 167 3.00 15.67 6.20
C ARG B 167 4.23 15.36 5.36
N HIS B 168 4.98 16.38 4.93
CA HIS B 168 6.25 16.20 4.18
C HIS B 168 7.42 16.25 5.18
N ASN B 169 8.22 15.19 5.26
CA ASN B 169 9.44 15.17 6.11
C ASN B 169 10.44 16.19 5.57
N VAL B 170 10.97 17.04 6.46
CA VAL B 170 12.02 18.05 6.14
C VAL B 170 13.39 17.50 6.57
N GLU B 171 14.46 17.85 5.84
CA GLU B 171 15.81 17.26 5.98
C GLU B 171 16.35 17.44 7.41
N ASP B 172 15.91 18.49 8.12
CA ASP B 172 16.37 18.81 9.50
C ASP B 172 15.53 18.05 10.53
N GLY B 173 14.59 17.19 10.10
CA GLY B 173 13.77 16.37 11.00
C GLY B 173 12.43 17.03 11.35
N SER B 174 12.19 18.26 10.89
CA SER B 174 10.86 18.93 11.04
C SER B 174 9.89 18.38 9.99
N VAL B 175 8.63 18.81 10.08
CA VAL B 175 7.55 18.39 9.14
C VAL B 175 6.96 19.64 8.50
N GLN B 176 6.85 19.63 7.17
CA GLN B 176 6.17 20.65 6.35
C GLN B 176 4.75 20.15 6.08
N LEU B 177 3.74 20.86 6.61
CA LEU B 177 2.31 20.53 6.39
C LEU B 177 1.83 21.16 5.08
N ALA B 178 1.00 20.41 4.35
CA ALA B 178 0.32 20.84 3.12
C ALA B 178 -1.18 20.54 3.25
N ASN B 179 -1.95 21.58 3.57
CA ASN B 179 -3.42 21.48 3.75
C ASN B 179 -4.05 21.39 2.35
N HIS B 180 -4.74 20.28 2.06
CA HIS B 180 -5.39 19.99 0.76
C HIS B 180 -6.89 20.27 0.89
N TYR B 181 -7.41 21.13 0.01
CA TYR B 181 -8.86 21.31 -0.19
C TYR B 181 -9.17 20.85 -1.62
N GLN B 182 -10.07 19.88 -1.77
CA GLN B 182 -10.30 19.18 -3.06
C GLN B 182 -11.80 19.20 -3.42
N GLN B 183 -12.09 19.46 -4.70
CA GLN B 183 -13.48 19.27 -5.20
C GLN B 183 -13.40 18.52 -6.53
N ASN B 184 -14.32 17.58 -6.74
CA ASN B 184 -14.42 16.82 -8.02
C ASN B 184 -15.82 16.99 -8.59
N THR B 185 -15.88 17.30 -9.90
CA THR B 185 -17.15 17.51 -10.63
C THR B 185 -17.16 16.61 -11.86
N PRO B 186 -18.23 15.82 -12.09
CA PRO B 186 -18.30 14.97 -13.28
C PRO B 186 -18.34 15.84 -14.53
N ILE B 187 -17.75 15.33 -15.62
CA ILE B 187 -17.78 16.05 -16.94
C ILE B 187 -19.05 15.63 -17.69
N GLY B 188 -19.44 14.34 -17.60
CA GLY B 188 -20.62 13.76 -18.25
C GLY B 188 -21.93 14.18 -17.59
N ASN B 189 -23.05 13.93 -18.29
CA ASN B 189 -24.43 14.26 -17.86
C ASN B 189 -25.09 13.04 -17.21
N GLY B 190 -24.49 11.85 -17.38
CA GLY B 190 -25.04 10.60 -16.85
C GLY B 190 -25.07 10.59 -15.33
N PRO B 191 -25.71 9.59 -14.69
CA PRO B 191 -25.72 9.49 -13.24
C PRO B 191 -24.34 9.05 -12.70
N VAL B 192 -23.93 9.63 -11.57
CA VAL B 192 -22.71 9.26 -10.81
C VAL B 192 -23.14 8.85 -9.40
N LEU B 193 -22.29 8.13 -8.67
CA LEU B 193 -22.55 7.75 -7.26
C LEU B 193 -22.02 8.88 -6.38
N LEU B 194 -22.83 9.40 -5.48
CA LEU B 194 -22.39 10.37 -4.45
C LEU B 194 -22.27 9.59 -3.15
N PRO B 195 -21.07 9.54 -2.54
CA PRO B 195 -20.85 8.65 -1.40
C PRO B 195 -21.29 9.21 -0.05
N ASP B 196 -21.55 8.31 0.89
CA ASP B 196 -21.51 8.60 2.35
C ASP B 196 -20.05 8.91 2.72
N ASP B 197 -19.86 9.58 3.85
CA ASP B 197 -18.53 9.98 4.33
C ASP B 197 -17.68 8.73 4.44
N HIS B 198 -16.47 8.77 3.90
CA HIS B 198 -15.48 7.66 4.00
C HIS B 198 -14.11 8.24 3.76
N TYR B 199 -13.08 7.39 3.80
CA TYR B 199 -11.70 7.86 3.52
C TYR B 199 -11.01 6.88 2.60
N LEU B 200 -10.01 7.43 1.90
CA LEU B 200 -9.04 6.64 1.11
C LEU B 200 -7.75 6.55 1.93
N SER B 201 -7.41 5.33 2.33
CA SER B 201 -6.12 4.97 2.96
C SER B 201 -5.07 4.90 1.86
N THR B 202 -4.15 5.87 1.84
CA THR B 202 -3.22 6.11 0.72
C THR B 202 -1.78 5.90 1.19
N GLN B 203 -1.09 5.02 0.49
CA GLN B 203 0.35 4.74 0.71
C GLN B 203 1.11 4.95 -0.60
N THR B 204 2.25 5.63 -0.52
CA THR B 204 3.07 6.05 -1.68
C THR B 204 4.54 5.72 -1.43
N ALA B 205 5.15 4.95 -2.32
CA ALA B 205 6.60 4.62 -2.31
C ALA B 205 7.27 5.32 -3.50
N LEU B 206 8.21 6.21 -3.19
CA LEU B 206 9.00 7.00 -4.17
C LEU B 206 10.37 6.33 -4.34
N SER B 207 10.81 6.21 -5.58
CA SER B 207 12.16 5.70 -5.90
C SER B 207 12.72 6.43 -7.11
N ARG B 208 13.98 6.11 -7.40
CA ARG B 208 14.74 6.68 -8.52
C ARG B 208 15.12 5.55 -9.47
N ASP B 209 15.23 5.90 -10.75
CA ASP B 209 15.86 5.06 -11.80
C ASP B 209 17.33 5.45 -11.84
N PRO B 210 18.27 4.58 -11.40
CA PRO B 210 19.68 4.95 -11.36
C PRO B 210 20.23 5.30 -12.75
N ASN B 211 19.55 4.86 -13.81
CA ASN B 211 20.02 5.01 -15.22
C ASN B 211 19.40 6.25 -15.89
N GLU B 212 18.50 6.99 -15.23
CA GLU B 212 17.77 8.14 -15.82
C GLU B 212 18.49 9.44 -15.48
N ARG B 213 18.89 10.21 -16.49
CA ARG B 213 19.63 11.50 -16.29
C ARG B 213 18.64 12.64 -16.07
N ARG B 214 17.42 12.57 -16.60
CA ARG B 214 16.43 13.67 -16.43
C ARG B 214 15.93 13.66 -14.98
N ASP B 215 15.48 14.82 -14.50
CA ASP B 215 14.79 14.91 -13.19
C ASP B 215 13.51 14.08 -13.31
N HIS B 216 13.33 13.13 -12.41
CA HIS B 216 12.29 12.08 -12.54
C HIS B 216 11.86 11.58 -11.16
N MET B 217 10.72 10.89 -11.13
CA MET B 217 10.24 10.24 -9.88
C MET B 217 9.57 8.94 -10.29
N VAL B 218 9.98 7.84 -9.64
CA VAL B 218 9.29 6.53 -9.83
C VAL B 218 8.35 6.37 -8.63
N LEU B 219 7.10 6.00 -8.90
CA LEU B 219 6.04 6.03 -7.86
C LEU B 219 5.30 4.69 -7.87
N LEU B 220 5.13 4.10 -6.69
CA LEU B 220 4.14 3.01 -6.52
C LEU B 220 3.14 3.44 -5.45
N GLU B 221 1.85 3.31 -5.74
CA GLU B 221 0.80 3.77 -4.81
C GLU B 221 -0.17 2.62 -4.54
N PHE B 222 -0.56 2.50 -3.27
CA PHE B 222 -1.62 1.58 -2.82
C PHE B 222 -2.71 2.42 -2.14
N VAL B 223 -3.95 2.29 -2.61
CA VAL B 223 -5.11 3.08 -2.08
C VAL B 223 -6.28 2.14 -1.85
N THR B 224 -6.80 2.13 -0.62
CA THR B 224 -8.01 1.34 -0.27
C THR B 224 -9.03 2.28 0.36
N ALA B 225 -10.30 2.18 -0.05
CA ALA B 225 -11.41 2.94 0.58
C ALA B 225 -11.79 2.23 1.90
N ALA B 226 -12.09 3.00 2.94
CA ALA B 226 -12.54 2.44 4.25
C ALA B 226 -13.42 3.46 4.97
N GLY B 227 -13.90 3.10 6.17
CA GLY B 227 -14.64 4.00 7.08
C GLY B 227 -16.15 3.79 6.96
N ILE B 228 -16.58 2.84 6.12
CA ILE B 228 -18.00 2.42 6.02
C ILE B 228 -18.07 0.92 6.32
N THR B 229 -18.94 0.56 7.26
CA THR B 229 -19.21 -0.85 7.68
C THR B 229 -20.20 -1.47 6.70
CU CU C . -0.48 -2.59 27.59
S SO4 D . -10.40 -10.14 0.35
O1 SO4 D . -10.50 -10.42 -1.04
O2 SO4 D . -10.26 -8.71 0.55
O3 SO4 D . -11.57 -10.60 1.03
O4 SO4 D . -9.23 -10.79 0.89
S SO4 E . 0.09 -19.57 18.43
O1 SO4 E . 0.53 -19.50 17.06
O2 SO4 E . -0.98 -18.65 18.63
O3 SO4 E . 1.19 -19.23 19.29
O4 SO4 E . -0.37 -20.89 18.73
S SO4 F . 8.99 -18.18 -8.46
O1 SO4 F . 9.83 -17.49 -9.39
O2 SO4 F . 7.99 -17.28 -7.96
O3 SO4 F . 9.79 -18.65 -7.37
O4 SO4 F . 8.33 -19.30 -9.10
C1 GOL G . -0.28 32.12 -0.17
O1 GOL G . -0.82 31.88 1.14
C2 GOL G . -1.18 32.99 -1.02
O2 GOL G . -1.17 32.50 -2.36
C3 GOL G . -2.61 33.12 -0.54
O3 GOL G . -3.46 32.16 -1.16
C1 GOL H . 13.91 18.18 -3.73
O1 GOL H . 13.74 18.53 -2.35
C2 GOL H . 13.95 16.69 -3.97
O2 GOL H . 12.87 16.02 -3.32
C3 GOL H . 13.96 16.33 -5.44
O3 GOL H . 13.10 17.18 -6.19
CU CU I . -24.15 3.99 -12.40
#